data_8AXB
#
_entry.id   8AXB
#
_cell.length_a   1.00
_cell.length_b   1.00
_cell.length_c   1.00
_cell.angle_alpha   90.00
_cell.angle_beta   90.00
_cell.angle_gamma   90.00
#
_symmetry.space_group_name_H-M   'P 1'
#
loop_
_entity.id
_entity.type
_entity.pdbx_description
1 polymer Cas12k
2 polymer sgRNA
3 water water
#
loop_
_entity_poly.entity_id
_entity_poly.type
_entity_poly.pdbx_seq_one_letter_code
_entity_poly.pdbx_strand_id
1 'polypeptide(L)'
;MSQITIQARLISFESNRQQLWKLMADLNTPLINELLCQLGQHPDFEKWQQKGKLPSTVVSQLCQPLKTDPRFAGQPSRLY
MSAIHIVDYIYKSWLAIQKRLQQQLDGKTRWLEMLNSDAELVELSGDTLEAIRVKAAEILAIAMPASESDSASPKGKKGK
KEKKPSSSSPKRSLSKTLFDAYQETEDIKSRSAISYLLKNGCKLTDKEEDSEKFAKRRRQVEIQIQRLTEKLISRMPKGR
DLTNAKWLETLLTATTTVAEDNAQAKRWQDILLTRSSSLPFPLVFETNEDMVWSKNQKGRLCVHFNGLSDLIFEVYCGNR
QLHWFQRFLEDQQTKRKSKNQHSSGLFTLRNGHLVWLEGEGKGEPWNLHHLTLYCCVDNRLWTEEGTEIVRQEKADEITK
FITNMKKKSDLSDTQQALIQRKQSTLTRINNSFERPSQPLYQGQSHILVGVSLGLEKPATVAVVDAIANKVLAYRSIKQL
LGDNYELLNRQRRQQQYLSHERHKAQKNFSPNQFGASELGQHIDRLLAKAIVALARTYKAGSIVLPKLGDMREVVQSEIQ
AIAEQKFPGYIEGQQKYAKQYRVNVHRWSYGRLIQSIQSKAAQTGIVIEEGKQPIRGSPHDKAKELALSAYNLRLTRRSG
SEFELENLYFQ
;
A
2 'polyribonucleotide'
;GGAUAUUAAUAGCGCCGCAAUUCAUGCUGCUUGCAGCCUCUGAAUUUUGUUAAAUGAGGGUUAGUUUGACUGUAUAAAUA
CAGUCUUGCUUUCUGACCCUGGUAGCUGCUCACCCUGAUGCUGCUGUCAAUAGACAGGAUAGGUGCGCUCCCAGCAAUAA
GGGCGCGGAUGUACUGCUGUAGUGGCUACUGAAUCACCCCCGAUCAAGGGGGAACCCUCCAAAAGGUGGGUUGAAAGGAG
AAGUCAUUUAAUAAGGCCACU
;
B
#
loop_
_chem_comp.id
_chem_comp.type
_chem_comp.name
_chem_comp.formula
A RNA linking ADENOSINE-5'-MONOPHOSPHATE 'C10 H14 N5 O7 P'
C RNA linking CYTIDINE-5'-MONOPHOSPHATE 'C9 H14 N3 O8 P'
G RNA linking GUANOSINE-5'-MONOPHOSPHATE 'C10 H14 N5 O8 P'
U RNA linking URIDINE-5'-MONOPHOSPHATE 'C9 H13 N2 O9 P'
#
# COMPACT_ATOMS: atom_id res chain seq x y z
N SER A 2 -3.98 -9.50 -5.59
CA SER A 2 -3.51 -8.13 -5.79
C SER A 2 -2.12 -7.93 -5.19
N GLN A 3 -1.52 -6.78 -5.46
CA GLN A 3 -0.20 -6.50 -4.93
C GLN A 3 -0.25 -6.31 -3.42
N ILE A 4 0.83 -6.70 -2.75
CA ILE A 4 0.93 -6.65 -1.31
C ILE A 4 2.39 -6.81 -0.93
N THR A 5 2.82 -6.04 0.06
CA THR A 5 4.20 -6.02 0.50
C THR A 5 4.33 -6.79 1.80
N ILE A 6 5.23 -7.77 1.83
CA ILE A 6 5.42 -8.65 2.97
C ILE A 6 6.79 -8.35 3.58
N GLN A 7 6.84 -8.24 4.89
CA GLN A 7 8.08 -7.89 5.58
C GLN A 7 8.77 -9.14 6.12
N ALA A 8 10.09 -9.02 6.32
CA ALA A 8 10.87 -10.05 6.97
C ALA A 8 12.17 -9.42 7.46
N ARG A 9 12.63 -9.85 8.62
CA ARG A 9 13.90 -9.39 9.18
C ARG A 9 15.01 -10.31 8.69
N LEU A 10 15.94 -9.76 7.92
CA LEU A 10 17.08 -10.53 7.46
C LEU A 10 18.14 -10.58 8.55
N ILE A 11 18.69 -11.77 8.78
CA ILE A 11 19.60 -12.01 9.90
C ILE A 11 20.82 -12.77 9.39
N SER A 12 22.00 -12.31 9.75
CA SER A 12 23.24 -13.02 9.47
C SER A 12 24.25 -12.65 10.55
N PHE A 13 25.53 -12.94 10.29
CA PHE A 13 26.59 -12.67 11.25
C PHE A 13 27.07 -11.22 11.15
N GLU A 14 27.88 -10.83 12.13
CA GLU A 14 28.42 -9.48 12.15
C GLU A 14 29.31 -9.21 10.95
N SER A 15 30.06 -10.21 10.49
CA SER A 15 30.94 -10.00 9.34
C SER A 15 30.14 -9.67 8.09
N ASN A 16 29.12 -10.47 7.78
CA ASN A 16 28.29 -10.20 6.61
C ASN A 16 27.52 -8.89 6.78
N ARG A 17 27.03 -8.62 7.98
CA ARG A 17 26.27 -7.39 8.21
C ARG A 17 27.16 -6.17 8.02
N GLN A 18 28.37 -6.19 8.57
CA GLN A 18 29.28 -5.07 8.40
C GLN A 18 29.72 -4.94 6.95
N GLN A 19 29.89 -6.06 6.25
CA GLN A 19 30.20 -5.99 4.83
C GLN A 19 29.10 -5.26 4.07
N LEU A 20 27.84 -5.65 4.33
CA LEU A 20 26.72 -4.97 3.68
C LEU A 20 26.65 -3.50 4.09
N TRP A 21 26.93 -3.22 5.37
CA TRP A 21 26.90 -1.85 5.86
C TRP A 21 27.92 -0.98 5.16
N LYS A 22 29.15 -1.49 5.03
CA LYS A 22 30.16 -0.73 4.30
C LYS A 22 29.77 -0.57 2.86
N LEU A 23 29.21 -1.62 2.25
CA LEU A 23 28.82 -1.54 0.85
C LEU A 23 27.78 -0.45 0.63
N MET A 24 26.82 -0.32 1.54
CA MET A 24 25.68 0.58 1.36
C MET A 24 25.93 1.97 1.93
N ALA A 25 26.20 2.05 3.24
CA ALA A 25 26.31 3.33 3.93
C ALA A 25 27.54 4.11 3.54
N ASP A 26 28.69 3.45 3.39
CA ASP A 26 29.94 4.13 3.14
C ASP A 26 30.45 3.98 1.71
N LEU A 27 29.87 3.10 0.92
CA LEU A 27 30.27 2.94 -0.47
C LEU A 27 29.12 3.04 -1.47
N ASN A 28 27.87 3.03 -1.04
CA ASN A 28 26.75 3.21 -1.96
C ASN A 28 25.86 4.39 -1.59
N THR A 29 25.63 4.63 -0.31
CA THR A 29 25.03 5.90 0.09
C THR A 29 25.86 7.09 -0.40
N PRO A 30 27.19 7.09 -0.31
CA PRO A 30 27.95 8.11 -1.04
C PRO A 30 27.66 8.08 -2.53
N LEU A 31 27.53 6.89 -3.12
CA LEU A 31 27.17 6.81 -4.53
C LEU A 31 25.80 7.42 -4.78
N ILE A 32 24.84 7.14 -3.90
CA ILE A 32 23.50 7.67 -4.09
C ILE A 32 23.52 9.19 -4.04
N ASN A 33 24.16 9.73 -3.00
CA ASN A 33 24.20 11.18 -2.86
C ASN A 33 24.93 11.83 -4.02
N GLU A 34 26.07 11.25 -4.42
CA GLU A 34 26.86 11.86 -5.50
C GLU A 34 26.11 11.81 -6.81
N LEU A 35 25.43 10.70 -7.10
CA LEU A 35 24.59 10.65 -8.29
C LEU A 35 23.47 11.68 -8.20
N LEU A 36 22.94 11.92 -7.00
CA LEU A 36 21.89 12.92 -6.85
C LEU A 36 22.41 14.32 -7.19
N CYS A 37 23.54 14.69 -6.61
CA CYS A 37 24.10 16.01 -6.92
C CYS A 37 24.51 16.11 -8.39
N GLN A 38 25.10 15.05 -8.94
CA GLN A 38 25.50 15.08 -10.35
C GLN A 38 24.28 15.19 -11.26
N LEU A 39 23.14 14.64 -10.82
CA LEU A 39 21.88 14.97 -11.48
C LEU A 39 21.59 16.45 -11.33
N GLY A 40 21.83 17.00 -10.15
CA GLY A 40 21.68 18.44 -9.96
C GLY A 40 22.69 19.25 -10.74
N GLN A 41 23.96 18.85 -10.71
CA GLN A 41 25.03 19.60 -11.35
C GLN A 41 25.30 19.14 -12.77
N HIS A 42 24.28 18.66 -13.48
CA HIS A 42 24.49 18.25 -14.86
C HIS A 42 24.04 19.34 -15.82
N PRO A 43 24.83 19.61 -16.86
CA PRO A 43 24.62 20.83 -17.66
C PRO A 43 23.22 20.95 -18.26
N ASP A 44 22.62 19.86 -18.72
CA ASP A 44 21.31 19.89 -19.34
C ASP A 44 20.20 19.54 -18.34
N PHE A 45 20.39 19.91 -17.07
CA PHE A 45 19.35 19.69 -16.06
C PHE A 45 18.04 20.32 -16.51
N GLU A 46 18.08 21.61 -16.84
CA GLU A 46 16.84 22.36 -17.08
C GLU A 46 16.12 21.88 -18.33
N LYS A 47 16.86 21.51 -19.37
CA LYS A 47 16.24 21.23 -20.66
C LYS A 47 15.25 20.06 -20.57
N TRP A 48 15.48 19.14 -19.64
CA TRP A 48 14.53 18.04 -19.48
C TRP A 48 13.28 18.46 -18.72
N GLN A 49 13.40 19.41 -17.78
CA GLN A 49 12.22 19.89 -17.07
C GLN A 49 11.23 20.58 -17.99
N GLN A 50 11.68 21.03 -19.17
CA GLN A 50 10.75 21.49 -20.17
C GLN A 50 9.77 20.40 -20.58
N LYS A 51 10.18 19.14 -20.42
CA LYS A 51 9.26 18.01 -20.57
C LYS A 51 8.66 17.56 -19.23
N GLY A 52 9.36 17.84 -18.13
CA GLY A 52 8.90 17.44 -16.81
C GLY A 52 9.26 16.04 -16.40
N LYS A 53 9.88 15.25 -17.27
CA LYS A 53 10.28 13.89 -16.96
C LYS A 53 11.65 13.61 -17.58
N LEU A 54 12.53 12.98 -16.81
CA LEU A 54 13.85 12.60 -17.29
C LEU A 54 13.85 11.12 -17.62
N PRO A 55 14.08 10.72 -18.87
CA PRO A 55 14.05 9.28 -19.20
C PRO A 55 15.17 8.50 -18.53
N SER A 56 15.17 7.18 -18.73
CA SER A 56 16.16 6.33 -18.10
C SER A 56 17.55 6.50 -18.70
N THR A 57 17.67 7.29 -19.77
CA THR A 57 18.96 7.44 -20.43
C THR A 57 20.00 8.04 -19.50
N VAL A 58 19.63 9.06 -18.72
CA VAL A 58 20.62 9.82 -17.97
C VAL A 58 21.33 8.93 -16.94
N VAL A 59 20.54 8.19 -16.14
CA VAL A 59 21.16 7.31 -15.16
C VAL A 59 21.86 6.15 -15.85
N SER A 60 21.37 5.74 -17.02
CA SER A 60 22.02 4.66 -17.75
C SER A 60 23.43 5.04 -18.16
N GLN A 61 23.64 6.28 -18.61
CA GLN A 61 24.98 6.71 -18.99
C GLN A 61 25.81 7.17 -17.79
N LEU A 62 25.19 7.59 -16.70
CA LEU A 62 25.95 8.03 -15.53
C LEU A 62 26.16 6.92 -14.51
N CYS A 63 25.72 5.70 -14.79
CA CYS A 63 25.96 4.59 -13.88
C CYS A 63 27.40 4.08 -13.96
N GLN A 64 27.88 3.77 -15.17
CA GLN A 64 29.17 3.09 -15.30
C GLN A 64 30.42 3.91 -14.97
N PRO A 65 30.46 5.25 -15.12
CA PRO A 65 31.72 5.95 -14.81
C PRO A 65 32.11 5.89 -13.35
N LEU A 66 31.22 5.46 -12.47
CA LEU A 66 31.44 5.46 -11.03
C LEU A 66 31.87 4.10 -10.50
N LYS A 67 32.29 3.19 -11.39
CA LYS A 67 32.68 1.85 -10.94
C LYS A 67 34.03 1.88 -10.23
N THR A 68 35.01 2.62 -10.77
CA THR A 68 36.37 2.62 -10.27
C THR A 68 36.74 3.91 -9.57
N ASP A 69 35.76 4.71 -9.18
CA ASP A 69 36.05 5.88 -8.37
C ASP A 69 36.59 5.43 -7.02
N PRO A 70 37.75 5.96 -6.59
CA PRO A 70 38.42 5.38 -5.41
C PRO A 70 37.56 5.35 -4.15
N ARG A 71 36.76 6.38 -3.91
CA ARG A 71 35.99 6.42 -2.68
C ARG A 71 34.89 5.37 -2.62
N PHE A 72 34.58 4.71 -3.73
CA PHE A 72 33.50 3.73 -3.78
C PHE A 72 33.97 2.30 -3.57
N ALA A 73 35.24 1.99 -3.84
CA ALA A 73 35.85 0.70 -3.55
C ALA A 73 35.12 -0.48 -4.19
N GLY A 74 34.32 -0.22 -5.21
CA GLY A 74 33.67 -1.29 -5.95
C GLY A 74 32.46 -1.90 -5.25
N GLN A 75 31.42 -2.18 -6.02
CA GLN A 75 30.18 -2.75 -5.52
C GLN A 75 29.80 -3.94 -6.39
N PRO A 76 29.04 -4.89 -5.84
CA PRO A 76 28.42 -5.91 -6.69
C PRO A 76 27.45 -5.27 -7.67
N SER A 77 27.25 -5.92 -8.81
CA SER A 77 26.45 -5.32 -9.88
C SER A 77 25.03 -5.02 -9.42
N ARG A 78 24.43 -5.94 -8.66
CA ARG A 78 23.07 -5.72 -8.20
C ARG A 78 22.98 -4.51 -7.27
N LEU A 79 24.07 -4.18 -6.58
CA LEU A 79 24.08 -2.96 -5.77
C LEU A 79 24.11 -1.72 -6.65
N TYR A 80 24.79 -1.78 -7.80
CA TYR A 80 24.70 -0.69 -8.76
C TYR A 80 23.28 -0.54 -9.28
N MET A 81 22.62 -1.67 -9.56
CA MET A 81 21.21 -1.61 -9.96
C MET A 81 20.35 -1.00 -8.85
N SER A 82 20.62 -1.36 -7.60
CA SER A 82 19.91 -0.78 -6.47
C SER A 82 20.09 0.73 -6.44
N ALA A 83 21.33 1.20 -6.60
CA ALA A 83 21.59 2.63 -6.55
C ALA A 83 20.89 3.37 -7.69
N ILE A 84 20.98 2.84 -8.91
CA ILE A 84 20.36 3.55 -10.02
C ILE A 84 18.85 3.55 -9.89
N HIS A 85 18.26 2.45 -9.42
CA HIS A 85 16.82 2.42 -9.23
C HIS A 85 16.39 3.35 -8.10
N ILE A 86 17.20 3.48 -7.05
CA ILE A 86 16.85 4.38 -5.96
C ILE A 86 16.89 5.83 -6.44
N VAL A 87 17.92 6.21 -7.22
CA VAL A 87 17.94 7.59 -7.71
C VAL A 87 16.77 7.83 -8.66
N ASP A 88 16.41 6.80 -9.45
CA ASP A 88 15.24 6.92 -10.31
C ASP A 88 13.98 7.18 -9.49
N TYR A 89 13.80 6.41 -8.42
CA TYR A 89 12.61 6.55 -7.58
C TYR A 89 12.58 7.91 -6.88
N ILE A 90 13.72 8.37 -6.36
CA ILE A 90 13.72 9.63 -5.61
C ILE A 90 13.51 10.81 -6.54
N TYR A 91 14.12 10.81 -7.73
CA TYR A 91 13.88 11.93 -8.61
C TYR A 91 12.49 11.88 -9.24
N LYS A 92 11.89 10.70 -9.38
CA LYS A 92 10.51 10.64 -9.82
C LYS A 92 9.56 11.17 -8.74
N SER A 93 9.87 10.87 -7.47
CA SER A 93 9.06 11.42 -6.38
C SER A 93 9.29 12.90 -6.18
N TRP A 94 10.45 13.42 -6.62
CA TRP A 94 10.72 14.85 -6.52
C TRP A 94 10.17 15.65 -7.71
N LEU A 95 10.06 15.04 -8.88
CA LEU A 95 9.58 15.76 -10.06
C LEU A 95 8.11 16.08 -10.00
N ALA A 96 7.36 15.50 -9.05
CA ALA A 96 5.93 15.77 -8.93
C ALA A 96 5.69 17.11 -8.25
N SER A 277 17.17 10.36 6.66
CA SER A 277 18.07 10.78 7.74
C SER A 277 19.42 10.07 7.61
N SER A 278 20.13 9.97 8.73
CA SER A 278 21.42 9.30 8.74
C SER A 278 21.22 7.80 8.61
N LEU A 279 20.75 7.35 7.45
CA LEU A 279 20.30 6.00 7.26
C LEU A 279 20.46 5.66 5.78
N PRO A 280 21.16 4.59 5.44
CA PRO A 280 21.46 4.31 4.04
C PRO A 280 20.21 4.10 3.20
N PHE A 281 20.35 4.39 1.91
CA PHE A 281 19.25 4.20 0.99
C PHE A 281 18.95 2.72 0.79
N PRO A 282 17.69 2.37 0.54
CA PRO A 282 17.31 0.97 0.38
C PRO A 282 18.05 0.26 -0.74
N LEU A 283 17.82 -1.04 -0.82
CA LEU A 283 18.27 -1.87 -1.94
C LEU A 283 17.04 -2.37 -2.70
N VAL A 284 17.12 -2.30 -4.03
CA VAL A 284 16.00 -2.61 -4.90
C VAL A 284 16.33 -3.85 -5.72
N PHE A 285 15.43 -4.83 -5.68
CA PHE A 285 15.55 -6.05 -6.46
C PHE A 285 14.36 -6.15 -7.38
N GLU A 286 14.61 -6.18 -8.70
CA GLU A 286 13.52 -6.10 -9.66
C GLU A 286 12.75 -7.42 -9.77
N THR A 287 13.47 -8.55 -9.72
CA THR A 287 12.84 -9.85 -9.90
C THR A 287 13.24 -10.78 -8.75
N ASN A 288 12.64 -11.97 -8.75
CA ASN A 288 12.93 -12.96 -7.72
C ASN A 288 14.28 -13.64 -7.94
N GLU A 289 14.70 -13.78 -9.21
CA GLU A 289 15.97 -14.44 -9.50
C GLU A 289 17.14 -13.72 -8.84
N ASP A 290 16.97 -12.44 -8.50
CA ASP A 290 17.97 -11.72 -7.72
C ASP A 290 18.06 -12.22 -6.28
N MET A 291 17.11 -13.04 -5.84
CA MET A 291 17.11 -13.61 -4.50
C MET A 291 17.08 -15.12 -4.62
N VAL A 292 18.07 -15.79 -4.05
CA VAL A 292 18.13 -17.25 -4.05
C VAL A 292 17.81 -17.74 -2.65
N TRP A 293 16.87 -18.69 -2.57
CA TRP A 293 16.34 -19.20 -1.31
C TRP A 293 16.83 -20.63 -1.09
N SER A 294 17.04 -20.97 0.16
CA SER A 294 17.59 -22.29 0.47
C SER A 294 17.30 -22.64 1.91
N LYS A 295 16.92 -23.89 2.15
CA LYS A 295 16.77 -24.37 3.51
C LYS A 295 18.12 -24.84 4.03
N ASN A 296 18.36 -24.56 5.31
CA ASN A 296 19.62 -24.93 5.93
C ASN A 296 19.46 -26.29 6.62
N GLN A 297 20.44 -26.67 7.42
CA GLN A 297 20.29 -27.88 8.23
C GLN A 297 19.26 -27.69 9.32
N LYS A 298 19.15 -26.49 9.89
CA LYS A 298 18.14 -26.23 10.91
C LYS A 298 16.74 -26.14 10.34
N GLY A 299 16.61 -26.03 9.02
CA GLY A 299 15.33 -26.01 8.35
C GLY A 299 14.85 -24.64 7.94
N ARG A 300 15.39 -23.58 8.53
CA ARG A 300 14.93 -22.23 8.26
C ARG A 300 15.25 -21.83 6.83
N LEU A 301 14.43 -20.94 6.27
CA LEU A 301 14.71 -20.37 4.97
C LEU A 301 15.85 -19.37 5.07
N CYS A 302 16.68 -19.32 4.04
CA CYS A 302 17.77 -18.37 3.93
C CYS A 302 17.73 -17.79 2.53
N VAL A 303 18.14 -16.53 2.41
CA VAL A 303 18.20 -15.86 1.11
C VAL A 303 19.56 -15.22 0.94
N HIS A 304 20.17 -15.47 -0.21
CA HIS A 304 21.31 -14.70 -0.68
C HIS A 304 20.86 -13.86 -1.87
N PHE A 305 21.69 -12.88 -2.22
CA PHE A 305 21.39 -12.00 -3.33
C PHE A 305 22.42 -12.23 -4.43
N ASN A 306 21.93 -12.25 -5.67
CA ASN A 306 22.80 -12.50 -6.81
C ASN A 306 23.92 -11.46 -6.85
N GLY A 307 25.13 -11.92 -7.16
CA GLY A 307 26.30 -11.07 -7.11
C GLY A 307 26.88 -10.88 -5.73
N LEU A 308 26.28 -11.46 -4.70
CA LEU A 308 26.80 -11.38 -3.34
C LEU A 308 27.23 -12.75 -2.84
N SER A 309 26.33 -13.73 -2.85
CA SER A 309 26.60 -15.16 -2.80
C SER A 309 27.37 -15.62 -1.56
N ASP A 310 27.67 -14.74 -0.62
CA ASP A 310 28.43 -15.16 0.55
C ASP A 310 27.70 -14.78 1.84
N LEU A 311 26.95 -13.70 1.79
CA LEU A 311 26.09 -13.32 2.91
C LEU A 311 24.88 -14.22 2.93
N ILE A 312 24.57 -14.77 4.10
CA ILE A 312 23.63 -15.88 4.23
C ILE A 312 22.41 -15.40 5.02
N PHE A 313 21.99 -14.17 4.75
CA PHE A 313 20.83 -13.57 5.40
C PHE A 313 19.64 -14.52 5.39
N GLU A 314 19.23 -14.95 6.59
CA GLU A 314 18.04 -15.76 6.74
C GLU A 314 16.80 -14.86 6.74
N VAL A 315 15.62 -15.48 6.84
CA VAL A 315 14.35 -14.78 6.80
C VAL A 315 13.61 -15.04 8.10
N TYR A 316 13.20 -13.97 8.77
CA TYR A 316 12.45 -14.05 10.01
C TYR A 316 11.10 -13.36 9.82
N CYS A 317 10.03 -14.01 10.27
CA CYS A 317 8.69 -13.55 9.92
C CYS A 317 7.67 -14.32 10.75
N GLY A 318 6.40 -13.88 10.67
CA GLY A 318 5.32 -14.57 11.31
C GLY A 318 4.61 -15.53 10.38
N ASN A 319 3.69 -16.32 10.96
CA ASN A 319 2.95 -17.29 10.17
C ASN A 319 2.18 -16.64 9.04
N ARG A 320 1.67 -15.43 9.26
CA ARG A 320 0.96 -14.70 8.23
C ARG A 320 1.85 -14.42 7.03
N GLN A 321 3.16 -14.45 7.22
CA GLN A 321 4.10 -14.29 6.12
C GLN A 321 4.91 -15.55 5.83
N LEU A 322 4.90 -16.53 6.73
CA LEU A 322 5.78 -17.69 6.55
C LEU A 322 5.44 -18.46 5.28
N HIS A 323 4.15 -18.67 5.02
CA HIS A 323 3.79 -19.43 3.82
C HIS A 323 4.20 -18.68 2.57
N TRP A 324 4.30 -17.35 2.63
CA TRP A 324 4.77 -16.60 1.49
C TRP A 324 6.20 -16.97 1.13
N PHE A 325 7.10 -16.90 2.11
CA PHE A 325 8.49 -17.23 1.87
C PHE A 325 8.67 -18.70 1.52
N GLN A 326 7.92 -19.57 2.20
CA GLN A 326 7.97 -20.98 1.87
C GLN A 326 7.57 -21.20 0.42
N ARG A 327 6.57 -20.47 -0.06
CA ARG A 327 6.14 -20.62 -1.44
C ARG A 327 7.16 -20.05 -2.41
N PHE A 328 7.85 -18.97 -2.04
CA PHE A 328 8.94 -18.48 -2.89
C PHE A 328 10.02 -19.55 -3.02
N LEU A 329 10.37 -20.20 -1.91
CA LEU A 329 11.35 -21.28 -1.96
C LEU A 329 10.87 -22.43 -2.83
N GLU A 330 9.59 -22.79 -2.70
CA GLU A 330 9.06 -23.91 -3.48
C GLU A 330 9.03 -23.59 -4.97
N ASP A 331 8.68 -22.36 -5.34
CA ASP A 331 8.71 -21.98 -6.75
C ASP A 331 10.13 -21.95 -7.29
N GLN A 332 11.08 -21.51 -6.47
CA GLN A 332 12.49 -21.59 -6.84
C GLN A 332 12.90 -23.04 -7.08
N GLN A 333 12.50 -23.93 -6.18
CA GLN A 333 12.77 -25.36 -6.35
C GLN A 333 12.04 -25.93 -7.56
N THR A 334 10.93 -25.33 -7.95
CA THR A 334 10.14 -25.81 -9.06
C THR A 334 10.67 -25.35 -10.41
N LYS A 335 11.38 -24.22 -10.45
CA LYS A 335 11.96 -23.81 -11.73
C LYS A 335 13.17 -24.67 -12.10
N ARG A 336 14.00 -25.03 -11.11
CA ARG A 336 15.21 -25.79 -11.42
C ARG A 336 14.89 -27.21 -11.87
N LYS A 337 13.88 -27.84 -11.29
CA LYS A 337 13.52 -29.19 -11.72
C LYS A 337 13.07 -29.20 -13.18
N SER A 338 12.47 -28.11 -13.64
CA SER A 338 12.09 -27.97 -15.04
C SER A 338 13.23 -27.47 -15.91
N LYS A 339 14.46 -27.60 -15.42
CA LYS A 339 15.66 -27.18 -16.15
C LYS A 339 15.56 -25.73 -16.58
N ASN A 340 15.02 -24.89 -15.70
CA ASN A 340 14.85 -23.47 -15.93
C ASN A 340 14.01 -23.21 -17.20
N GLN A 341 12.81 -23.76 -17.18
CA GLN A 341 11.82 -23.52 -18.23
C GLN A 341 10.51 -23.03 -17.61
N HIS A 342 10.62 -22.12 -16.65
CA HIS A 342 9.48 -21.56 -15.94
C HIS A 342 9.38 -20.07 -16.25
N SER A 343 8.19 -19.62 -16.61
CA SER A 343 7.96 -18.20 -16.82
C SER A 343 8.01 -17.46 -15.49
N SER A 344 8.65 -16.28 -15.51
CA SER A 344 8.91 -15.56 -14.27
C SER A 344 7.66 -14.91 -13.69
N GLY A 345 6.65 -14.62 -14.51
CA GLY A 345 5.47 -13.93 -14.02
C GLY A 345 4.71 -14.73 -12.97
N LEU A 346 4.56 -16.04 -13.21
CA LEU A 346 3.81 -16.89 -12.29
C LEU A 346 4.48 -17.02 -10.93
N PHE A 347 5.73 -16.60 -10.80
CA PHE A 347 6.42 -16.66 -9.51
C PHE A 347 5.69 -15.79 -8.50
N THR A 348 5.65 -16.25 -7.26
CA THR A 348 4.88 -15.54 -6.24
C THR A 348 5.56 -14.24 -5.84
N LEU A 349 6.78 -14.32 -5.31
CA LEU A 349 7.54 -13.11 -5.03
C LEU A 349 7.91 -12.43 -6.35
N ARG A 350 7.77 -11.11 -6.39
CA ARG A 350 8.01 -10.39 -7.63
C ARG A 350 8.98 -9.23 -7.45
N ASN A 351 9.01 -8.61 -6.26
CA ASN A 351 9.93 -7.52 -5.97
C ASN A 351 10.50 -7.74 -4.57
N GLY A 352 11.34 -6.81 -4.14
CA GLY A 352 11.96 -6.92 -2.84
C GLY A 352 12.79 -5.71 -2.45
N HIS A 353 12.61 -5.24 -1.22
CA HIS A 353 13.32 -4.06 -0.72
C HIS A 353 14.09 -4.45 0.53
N LEU A 354 15.37 -4.08 0.56
CA LEU A 354 16.24 -4.36 1.70
C LEU A 354 16.67 -3.03 2.30
N VAL A 355 16.13 -2.71 3.47
CA VAL A 355 16.37 -1.41 4.10
C VAL A 355 16.86 -1.64 5.51
N TRP A 356 17.56 -0.64 6.03
CA TRP A 356 17.89 -0.57 7.44
C TRP A 356 16.84 0.27 8.15
N LEU A 357 16.61 -0.03 9.42
CA LEU A 357 15.64 0.68 10.22
C LEU A 357 16.31 1.18 11.50
N GLU A 358 16.18 2.47 11.76
CA GLU A 358 16.87 3.08 12.89
C GLU A 358 16.33 2.52 14.21
N GLY A 359 17.23 2.38 15.17
CA GLY A 359 16.87 1.99 16.53
C GLY A 359 17.53 2.90 17.54
N GLU A 360 17.64 2.39 18.76
CA GLU A 360 18.23 3.12 19.86
C GLU A 360 19.69 2.71 20.03
N GLY A 361 20.31 3.18 21.11
CA GLY A 361 21.67 2.81 21.43
C GLY A 361 22.69 3.52 20.58
N LYS A 362 23.95 3.16 20.81
CA LYS A 362 25.09 3.70 20.09
C LYS A 362 25.97 2.56 19.62
N GLY A 363 27.12 2.91 19.07
CA GLY A 363 28.05 1.95 18.52
C GLY A 363 28.03 1.92 17.01
N GLU A 364 28.50 0.80 16.46
CA GLU A 364 28.44 0.61 15.02
C GLU A 364 26.99 0.54 14.57
N PRO A 365 26.67 1.04 13.38
CA PRO A 365 25.29 1.10 12.93
C PRO A 365 24.77 -0.14 12.20
N TRP A 366 25.65 -1.04 11.74
CA TRP A 366 25.17 -2.29 11.16
C TRP A 366 24.51 -3.17 12.21
N ASN A 367 25.07 -3.20 13.42
CA ASN A 367 24.45 -3.93 14.52
C ASN A 367 23.48 -3.06 15.30
N LEU A 368 23.23 -1.83 14.84
CA LEU A 368 22.22 -0.95 15.40
C LEU A 368 20.98 -0.83 14.54
N HIS A 369 21.15 -0.69 13.23
CA HIS A 369 20.03 -0.59 12.31
C HIS A 369 19.62 -2.01 11.89
N HIS A 370 18.36 -2.36 12.14
CA HIS A 370 17.89 -3.71 11.93
C HIS A 370 17.47 -3.89 10.47
N LEU A 371 18.18 -4.75 9.75
CA LEU A 371 17.87 -4.99 8.36
C LEU A 371 16.52 -5.68 8.21
N THR A 372 15.74 -5.21 7.24
CA THR A 372 14.40 -5.74 7.00
C THR A 372 14.22 -5.94 5.51
N LEU A 373 13.58 -7.05 5.14
CA LEU A 373 13.29 -7.37 3.75
C LEU A 373 11.81 -7.19 3.51
N TYR A 374 11.47 -6.30 2.57
CA TYR A 374 10.10 -6.10 2.15
C TYR A 374 9.90 -6.82 0.82
N CYS A 375 9.03 -7.83 0.80
CA CYS A 375 8.76 -8.61 -0.40
C CYS A 375 7.40 -8.24 -0.96
N CYS A 376 7.36 -7.93 -2.25
CA CYS A 376 6.13 -7.54 -2.93
C CYS A 376 5.63 -8.71 -3.77
N VAL A 377 4.42 -9.19 -3.45
CA VAL A 377 3.89 -10.38 -4.11
C VAL A 377 2.52 -10.07 -4.68
N ASP A 378 1.89 -11.08 -5.28
CA ASP A 378 0.55 -10.95 -5.83
C ASP A 378 -0.26 -12.15 -5.37
N ASN A 379 -1.31 -11.89 -4.59
CA ASN A 379 -2.18 -12.97 -4.14
C ASN A 379 -2.89 -13.63 -5.32
N ARG A 380 -3.17 -12.85 -6.38
CA ARG A 380 -3.72 -13.41 -7.60
C ARG A 380 -2.92 -14.61 -8.11
N LEU A 381 -1.65 -14.71 -7.74
CA LEU A 381 -0.78 -15.79 -8.17
C LEU A 381 -0.50 -16.80 -7.06
N TRP A 382 -1.42 -16.94 -6.10
CA TRP A 382 -1.25 -17.91 -5.04
C TRP A 382 -2.19 -19.11 -5.21
N THR A 383 -3.49 -18.83 -5.30
CA THR A 383 -4.46 -19.90 -5.55
C THR A 383 -4.33 -20.41 -6.98
N GLU A 384 -4.42 -21.73 -7.14
CA GLU A 384 -4.25 -22.33 -8.45
C GLU A 384 -5.18 -21.70 -9.48
N GLU A 385 -6.45 -21.54 -9.12
CA GLU A 385 -7.40 -20.90 -10.02
C GLU A 385 -6.97 -19.47 -10.33
N GLY A 386 -6.54 -18.73 -9.31
CA GLY A 386 -6.02 -17.40 -9.53
C GLY A 386 -4.82 -17.40 -10.45
N THR A 387 -3.92 -18.36 -10.27
CA THR A 387 -2.75 -18.45 -11.14
C THR A 387 -3.17 -18.71 -12.58
N GLU A 388 -4.12 -19.61 -12.79
CA GLU A 388 -4.56 -19.88 -14.16
C GLU A 388 -5.35 -18.72 -14.74
N ILE A 389 -5.85 -17.82 -13.90
CA ILE A 389 -6.49 -16.62 -14.42
C ILE A 389 -5.48 -15.71 -15.09
N VAL A 390 -4.26 -15.65 -14.56
CA VAL A 390 -3.29 -14.66 -15.00
C VAL A 390 -2.66 -15.00 -16.35
N ARG A 391 -2.76 -16.24 -16.81
CA ARG A 391 -2.04 -16.64 -18.02
C ARG A 391 -2.60 -15.96 -19.26
N GLN A 392 -3.92 -15.77 -19.32
CA GLN A 392 -4.56 -15.28 -20.54
C GLN A 392 -4.08 -13.88 -20.90
N GLU A 393 -4.17 -12.94 -19.95
CA GLU A 393 -3.78 -11.56 -20.25
C GLU A 393 -2.28 -11.37 -20.28
N LYS A 394 -1.51 -12.21 -19.59
CA LYS A 394 -0.06 -12.04 -19.59
C LYS A 394 0.53 -12.31 -20.97
N ALA A 395 -0.16 -13.08 -21.80
CA ALA A 395 0.24 -13.23 -23.19
C ALA A 395 -0.03 -11.97 -24.00
N ASP A 396 -0.76 -11.01 -23.45
CA ASP A 396 -1.08 -9.77 -24.15
C ASP A 396 -0.17 -8.64 -23.69
N LYS A 422 8.62 -11.35 -28.38
CA LYS A 422 7.53 -12.31 -28.43
C LYS A 422 8.05 -13.71 -28.67
N GLN A 423 9.36 -13.88 -28.47
CA GLN A 423 9.99 -15.18 -28.72
C GLN A 423 9.46 -16.26 -27.78
N SER A 424 9.26 -15.91 -26.51
CA SER A 424 8.81 -16.86 -25.50
C SER A 424 7.47 -16.44 -24.91
N THR A 425 6.59 -15.85 -25.74
CA THR A 425 5.33 -15.34 -25.24
C THR A 425 4.43 -16.45 -24.72
N LEU A 426 4.51 -17.64 -25.30
CA LEU A 426 3.71 -18.78 -24.85
C LEU A 426 4.55 -20.03 -24.60
N THR A 427 5.88 -19.89 -24.57
CA THR A 427 6.73 -21.07 -24.49
C THR A 427 6.59 -21.78 -23.14
N ARG A 428 6.69 -21.03 -22.03
CA ARG A 428 6.70 -21.61 -20.70
C ARG A 428 5.52 -21.12 -19.87
N ILE A 429 4.38 -20.86 -20.52
CA ILE A 429 3.21 -20.37 -19.80
C ILE A 429 2.69 -21.43 -18.83
N ASN A 430 2.62 -22.68 -19.28
CA ASN A 430 2.02 -23.74 -18.49
C ASN A 430 3.07 -24.39 -17.60
N ASN A 431 2.80 -24.42 -16.30
CA ASN A 431 3.67 -25.07 -15.33
C ASN A 431 2.86 -25.32 -14.07
N SER A 432 3.00 -26.53 -13.51
CA SER A 432 2.10 -26.93 -12.43
C SER A 432 2.40 -26.19 -11.14
N PHE A 433 3.67 -26.11 -10.76
CA PHE A 433 4.08 -25.70 -9.41
C PHE A 433 3.41 -26.58 -8.37
N GLU A 434 3.55 -26.21 -7.11
CA GLU A 434 2.60 -26.65 -6.09
C GLU A 434 1.56 -25.55 -5.96
N ARG A 435 0.29 -25.91 -6.07
CA ARG A 435 -0.78 -24.92 -6.23
C ARG A 435 -2.02 -25.38 -5.48
N PRO A 436 -2.28 -24.82 -4.31
CA PRO A 436 -3.58 -25.05 -3.67
C PRO A 436 -4.70 -24.57 -4.58
N SER A 437 -5.78 -25.34 -4.60
CA SER A 437 -6.96 -25.03 -5.41
C SER A 437 -8.08 -24.61 -4.48
N GLN A 438 -8.40 -23.31 -4.48
CA GLN A 438 -9.53 -22.77 -3.77
C GLN A 438 -10.44 -22.05 -4.74
N PRO A 439 -11.75 -22.18 -4.60
CA PRO A 439 -12.65 -21.58 -5.60
C PRO A 439 -12.51 -20.07 -5.60
N LEU A 440 -12.45 -19.49 -6.79
CA LEU A 440 -12.44 -18.04 -6.90
C LEU A 440 -13.77 -17.49 -6.44
N TYR A 441 -13.72 -16.41 -5.66
CA TYR A 441 -14.95 -15.82 -5.11
C TYR A 441 -15.74 -15.20 -6.25
N GLN A 442 -16.79 -15.90 -6.69
CA GLN A 442 -17.62 -15.43 -7.79
C GLN A 442 -18.69 -14.52 -7.21
N GLY A 443 -18.40 -13.23 -7.20
CA GLY A 443 -19.36 -12.25 -6.72
C GLY A 443 -20.37 -11.89 -7.79
N GLN A 444 -21.63 -12.23 -7.57
CA GLN A 444 -22.66 -11.89 -8.53
C GLN A 444 -22.89 -10.38 -8.53
N SER A 445 -23.21 -9.87 -9.71
CA SER A 445 -23.53 -8.46 -9.87
C SER A 445 -24.95 -8.24 -9.37
N HIS A 446 -25.54 -7.09 -9.73
CA HIS A 446 -26.90 -6.69 -9.36
C HIS A 446 -26.98 -6.29 -7.89
N ILE A 447 -25.90 -6.47 -7.14
CA ILE A 447 -25.88 -6.12 -5.73
C ILE A 447 -24.68 -5.23 -5.47
N LEU A 448 -24.92 -4.05 -4.92
CA LEU A 448 -23.90 -3.06 -4.62
C LEU A 448 -23.91 -2.76 -3.14
N VAL A 449 -22.73 -2.51 -2.58
CA VAL A 449 -22.66 -2.04 -1.21
C VAL A 449 -22.17 -0.59 -1.22
N GLY A 450 -23.11 0.35 -1.28
CA GLY A 450 -22.74 1.75 -1.17
C GLY A 450 -22.23 2.05 0.23
N VAL A 451 -21.25 2.94 0.29
CA VAL A 451 -20.67 3.38 1.57
C VAL A 451 -20.83 4.90 1.62
N SER A 452 -21.91 5.35 2.24
CA SER A 452 -22.13 6.78 2.41
C SER A 452 -21.12 7.35 3.38
N LEU A 453 -20.33 8.32 2.92
CA LEU A 453 -19.35 8.98 3.76
C LEU A 453 -19.94 10.28 4.28
N GLY A 454 -19.78 10.51 5.58
CA GLY A 454 -20.33 11.71 6.19
C GLY A 454 -19.54 12.07 7.43
N LEU A 455 -20.02 13.11 8.11
CA LEU A 455 -19.35 13.58 9.31
C LEU A 455 -19.72 12.72 10.52
N GLU A 456 -21.01 12.73 10.88
CA GLU A 456 -21.44 12.06 12.09
C GLU A 456 -21.38 10.55 11.92
N LYS A 457 -21.83 10.04 10.78
CA LYS A 457 -21.69 8.64 10.43
C LYS A 457 -20.63 8.55 9.33
N PRO A 458 -19.37 8.28 9.68
CA PRO A 458 -18.31 8.32 8.66
C PRO A 458 -18.53 7.42 7.46
N ALA A 459 -19.04 6.20 7.65
CA ALA A 459 -19.21 5.28 6.53
C ALA A 459 -20.30 4.26 6.89
N THR A 460 -21.52 4.54 6.45
CA THR A 460 -22.65 3.63 6.61
C THR A 460 -22.94 2.96 5.28
N VAL A 461 -23.14 1.64 5.31
CA VAL A 461 -23.35 0.88 4.09
C VAL A 461 -24.78 0.34 4.06
N ALA A 462 -25.25 0.08 2.84
CA ALA A 462 -26.58 -0.45 2.61
C ALA A 462 -26.50 -1.39 1.41
N VAL A 463 -26.57 -2.69 1.67
CA VAL A 463 -26.40 -3.68 0.61
C VAL A 463 -27.65 -3.68 -0.25
N VAL A 464 -27.57 -3.03 -1.41
CA VAL A 464 -28.72 -2.79 -2.26
C VAL A 464 -28.81 -3.86 -3.32
N ASP A 465 -30.00 -4.44 -3.49
CA ASP A 465 -30.32 -5.24 -4.67
C ASP A 465 -30.95 -4.25 -5.66
N ALA A 466 -30.16 -3.80 -6.63
CA ALA A 466 -30.61 -2.70 -7.47
C ALA A 466 -31.64 -3.13 -8.50
N ILE A 467 -31.83 -4.43 -8.73
CA ILE A 467 -32.76 -4.86 -9.77
C ILE A 467 -34.19 -4.49 -9.41
N ALA A 468 -34.61 -4.81 -8.19
CA ALA A 468 -35.94 -4.48 -7.72
C ALA A 468 -35.94 -3.30 -6.77
N ASN A 469 -34.81 -2.59 -6.65
CA ASN A 469 -34.63 -1.46 -5.74
C ASN A 469 -34.83 -1.88 -4.28
N LYS A 470 -34.83 -3.18 -4.02
CA LYS A 470 -34.94 -3.70 -2.67
C LYS A 470 -33.60 -3.56 -1.95
N VAL A 471 -33.68 -3.38 -0.63
CA VAL A 471 -32.50 -3.27 0.22
C VAL A 471 -32.37 -4.55 1.01
N LEU A 472 -31.17 -5.15 0.98
CA LEU A 472 -30.95 -6.40 1.69
C LEU A 472 -30.40 -6.21 3.09
N ALA A 473 -29.58 -5.19 3.33
CA ALA A 473 -28.92 -5.06 4.62
C ALA A 473 -28.54 -3.60 4.84
N TYR A 474 -29.23 -2.94 5.78
CA TYR A 474 -28.84 -1.62 6.26
C TYR A 474 -27.81 -1.82 7.37
N ARG A 475 -26.58 -2.10 6.96
CA ARG A 475 -25.50 -2.29 7.92
C ARG A 475 -24.93 -0.92 8.28
N SER A 476 -25.25 -0.46 9.48
CA SER A 476 -24.74 0.83 9.96
C SER A 476 -23.31 0.66 10.44
N ILE A 477 -22.74 1.77 10.95
CA ILE A 477 -21.37 1.72 11.42
C ILE A 477 -21.25 0.88 12.69
N LYS A 478 -22.22 1.02 13.59
CA LYS A 478 -22.24 0.17 14.77
C LYS A 478 -22.34 -1.30 14.40
N GLN A 479 -22.84 -1.60 13.20
CA GLN A 479 -22.86 -2.95 12.67
C GLN A 479 -21.61 -3.28 11.86
N LEU A 480 -21.05 -2.30 11.16
CA LEU A 480 -19.83 -2.48 10.39
C LEU A 480 -18.58 -2.57 11.25
N LEU A 481 -18.67 -2.28 12.53
CA LEU A 481 -17.51 -2.34 13.40
C LEU A 481 -17.65 -3.36 14.52
N GLY A 482 -18.86 -3.62 15.00
CA GLY A 482 -19.02 -4.54 16.10
C GLY A 482 -18.27 -4.07 17.33
N ASP A 483 -17.45 -4.96 17.89
CA ASP A 483 -16.64 -4.61 19.05
C ASP A 483 -15.65 -3.50 18.72
N ASN A 484 -15.47 -3.16 17.46
CA ASN A 484 -14.57 -2.08 17.05
C ASN A 484 -15.26 -0.73 17.00
N TYR A 485 -16.56 -0.64 17.28
CA TYR A 485 -17.23 0.65 17.26
C TYR A 485 -16.61 1.62 18.26
N GLU A 486 -16.14 1.11 19.40
CA GLU A 486 -15.51 1.97 20.40
C GLU A 486 -14.32 2.71 19.83
N LEU A 487 -13.73 2.20 18.74
CA LEU A 487 -12.62 2.89 18.13
C LEU A 487 -13.04 4.21 17.48
N LEU A 488 -14.22 4.22 16.85
CA LEU A 488 -14.63 5.36 16.02
C LEU A 488 -14.59 6.66 16.80
N ASN A 489 -15.42 6.78 17.83
CA ASN A 489 -15.40 7.98 18.66
C ASN A 489 -14.00 8.23 19.19
N ARG A 490 -13.28 7.16 19.55
CA ARG A 490 -11.92 7.29 20.04
C ARG A 490 -11.06 8.09 19.06
N GLN A 491 -11.14 7.74 17.78
CA GLN A 491 -10.35 8.46 16.78
C GLN A 491 -10.71 9.94 16.78
N ARG A 492 -12.00 10.24 16.85
CA ARG A 492 -12.41 11.64 16.92
C ARG A 492 -11.85 12.32 18.16
N ARG A 493 -11.85 11.61 19.30
CA ARG A 493 -11.23 12.16 20.49
C ARG A 493 -9.79 12.56 20.23
N GLN A 494 -9.09 11.79 19.40
CA GLN A 494 -7.74 12.15 19.00
C GLN A 494 -7.74 13.28 17.98
N GLN A 495 -8.65 13.21 16.99
CA GLN A 495 -8.67 14.22 15.94
C GLN A 495 -8.90 15.61 16.52
N GLN A 496 -9.97 15.77 17.32
CA GLN A 496 -10.23 17.03 17.99
C GLN A 496 -9.04 17.47 18.84
N TYR A 497 -8.30 16.50 19.38
CA TYR A 497 -7.08 16.81 20.11
C TYR A 497 -6.05 17.46 19.19
N LEU A 498 -5.77 16.80 18.05
CA LEU A 498 -4.65 17.23 17.21
C LEU A 498 -4.84 18.65 16.70
N SER A 499 -6.00 18.92 16.09
CA SER A 499 -6.26 20.26 15.57
C SER A 499 -6.23 21.31 16.67
N HIS A 500 -6.44 20.93 17.92
CA HIS A 500 -6.30 21.88 19.01
C HIS A 500 -4.83 22.21 19.24
N GLU A 501 -3.97 21.19 19.27
CA GLU A 501 -2.55 21.42 19.50
C GLU A 501 -1.85 21.92 18.25
N ARG A 502 -2.21 21.36 17.07
CA ARG A 502 -1.54 21.77 15.85
C ARG A 502 -1.76 23.24 15.56
N HIS A 503 -2.98 23.74 15.76
CA HIS A 503 -3.24 25.16 15.60
C HIS A 503 -2.66 25.97 16.76
N LYS A 504 -2.49 25.35 17.92
CA LYS A 504 -1.92 26.06 19.07
C LYS A 504 -0.49 26.50 18.79
N ALA A 505 0.38 25.54 18.50
CA ALA A 505 1.71 25.85 18.00
C ALA A 505 1.55 26.22 16.53
N GLN A 506 1.30 27.51 16.29
CA GLN A 506 0.90 27.96 14.96
C GLN A 506 2.01 27.73 13.93
N LYS A 507 3.24 28.03 14.30
CA LYS A 507 4.37 27.97 13.38
C LYS A 507 5.02 26.59 13.29
N ASN A 508 4.44 25.59 13.96
CA ASN A 508 5.01 24.24 14.04
C ASN A 508 6.37 24.23 14.70
N PHE A 509 6.70 25.29 15.44
CA PHE A 509 7.99 25.38 16.12
C PHE A 509 8.13 24.31 17.19
N SER A 510 7.09 24.10 17.97
CA SER A 510 7.18 23.20 19.12
C SER A 510 7.01 21.75 18.67
N PRO A 511 8.04 20.92 18.81
CA PRO A 511 7.90 19.49 18.45
C PRO A 511 7.28 18.70 19.60
N ASN A 512 6.07 18.20 19.37
CA ASN A 512 5.37 17.47 20.41
C ASN A 512 4.92 16.11 19.89
N GLN A 513 4.11 15.40 20.68
CA GLN A 513 3.70 14.05 20.36
C GLN A 513 2.38 13.98 19.61
N PHE A 514 1.80 15.13 19.24
CA PHE A 514 0.52 15.10 18.54
C PHE A 514 0.67 14.42 17.18
N GLY A 515 -0.36 13.67 16.80
CA GLY A 515 -0.24 12.71 15.72
C GLY A 515 0.33 11.38 16.15
N ALA A 516 0.07 10.97 17.39
CA ALA A 516 0.81 9.87 18.00
C ALA A 516 0.53 8.54 17.31
N SER A 517 -0.74 8.21 17.13
CA SER A 517 -1.15 6.86 16.76
C SER A 517 -1.57 6.79 15.30
N GLU A 518 -1.62 5.55 14.80
CA GLU A 518 -2.23 5.25 13.51
C GLU A 518 -3.60 4.59 13.70
N LEU A 519 -4.31 4.97 14.76
CA LEU A 519 -5.63 4.39 15.03
C LEU A 519 -6.59 4.65 13.89
N GLY A 520 -6.45 5.78 13.20
CA GLY A 520 -7.27 6.01 12.03
C GLY A 520 -7.05 4.97 10.96
N GLN A 521 -5.79 4.60 10.74
CA GLN A 521 -5.48 3.56 9.75
C GLN A 521 -6.12 2.23 10.11
N HIS A 522 -6.01 1.83 11.39
CA HIS A 522 -6.58 0.57 11.81
C HIS A 522 -8.10 0.58 11.71
N ILE A 523 -8.74 1.66 12.15
CA ILE A 523 -10.19 1.76 12.00
C ILE A 523 -10.57 1.69 10.54
N ASP A 524 -9.77 2.30 9.68
CA ASP A 524 -10.16 2.45 8.29
C ASP A 524 -10.04 1.10 7.58
N ARG A 525 -8.99 0.36 7.88
CA ARG A 525 -8.83 -0.99 7.32
C ARG A 525 -9.82 -1.97 7.95
N LEU A 526 -10.19 -1.77 9.22
CA LEU A 526 -11.26 -2.56 9.82
C LEU A 526 -12.57 -2.36 9.07
N LEU A 527 -12.89 -1.11 8.75
CA LEU A 527 -14.07 -0.82 7.94
C LEU A 527 -13.95 -1.48 6.57
N ALA A 528 -12.77 -1.44 5.98
CA ALA A 528 -12.57 -2.09 4.69
C ALA A 528 -12.87 -3.58 4.78
N LYS A 529 -12.29 -4.25 5.78
CA LYS A 529 -12.50 -5.68 5.94
C LYS A 529 -13.96 -6.00 6.17
N ALA A 530 -14.61 -5.24 7.04
CA ALA A 530 -16.02 -5.51 7.35
C ALA A 530 -16.91 -5.26 6.14
N ILE A 531 -16.62 -4.21 5.37
CA ILE A 531 -17.44 -3.93 4.19
C ILE A 531 -17.26 -5.02 3.14
N VAL A 532 -16.03 -5.49 2.92
CA VAL A 532 -15.84 -6.56 1.95
C VAL A 532 -16.47 -7.86 2.44
N ALA A 533 -16.36 -8.14 3.74
CA ALA A 533 -16.98 -9.36 4.29
C ALA A 533 -18.49 -9.31 4.14
N LEU A 534 -19.09 -8.14 4.38
CA LEU A 534 -20.53 -7.99 4.28
C LEU A 534 -20.99 -7.90 2.82
N ALA A 535 -20.08 -7.57 1.91
CA ALA A 535 -20.38 -7.69 0.49
C ALA A 535 -20.32 -9.14 0.04
N ARG A 536 -19.43 -9.93 0.64
CA ARG A 536 -19.39 -11.37 0.35
C ARG A 536 -20.63 -12.07 0.90
N THR A 537 -20.97 -11.80 2.16
CA THR A 537 -22.10 -12.47 2.79
C THR A 537 -23.38 -12.30 2.00
N TYR A 538 -23.53 -11.18 1.30
CA TYR A 538 -24.66 -10.95 0.42
C TYR A 538 -24.26 -11.01 -1.05
N LYS A 539 -23.08 -11.57 -1.34
CA LYS A 539 -22.66 -11.87 -2.71
C LYS A 539 -22.59 -10.62 -3.58
N ALA A 540 -22.19 -9.50 -2.99
CA ALA A 540 -22.19 -8.24 -3.72
C ALA A 540 -21.16 -8.25 -4.84
N GLY A 541 -21.51 -7.58 -5.93
CA GLY A 541 -20.63 -7.44 -7.08
C GLY A 541 -19.89 -6.13 -7.15
N SER A 542 -19.91 -5.32 -6.09
CA SER A 542 -19.19 -4.06 -6.04
C SER A 542 -19.31 -3.48 -4.64
N ILE A 543 -18.34 -2.64 -4.30
CA ILE A 543 -18.43 -1.76 -3.14
C ILE A 543 -18.32 -0.34 -3.65
N VAL A 544 -19.29 0.50 -3.28
CA VAL A 544 -19.47 1.81 -3.87
C VAL A 544 -18.94 2.87 -2.92
N LEU A 545 -18.09 3.76 -3.44
CA LEU A 545 -17.54 4.84 -2.66
C LEU A 545 -17.68 6.15 -3.43
N PRO A 546 -17.85 7.26 -2.73
CA PRO A 546 -17.90 8.57 -3.39
C PRO A 546 -16.48 9.03 -3.71
N LYS A 547 -16.40 10.22 -4.29
CA LYS A 547 -15.13 10.79 -4.70
C LYS A 547 -14.70 11.85 -3.70
N LEU A 548 -13.44 11.78 -3.26
CA LEU A 548 -12.93 12.78 -2.33
C LEU A 548 -12.95 14.17 -2.92
N GLY A 549 -12.88 14.29 -4.26
CA GLY A 549 -13.03 15.58 -4.89
C GLY A 549 -14.39 16.20 -4.65
N ASP A 550 -15.42 15.36 -4.58
CA ASP A 550 -16.78 15.81 -4.32
C ASP A 550 -17.17 15.66 -2.85
N MET A 551 -16.23 15.85 -1.93
CA MET A 551 -16.47 15.63 -0.52
C MET A 551 -16.30 16.88 0.34
N ARG A 552 -15.55 17.87 -0.14
CA ARG A 552 -15.40 19.11 0.61
C ARG A 552 -16.74 19.81 0.78
N GLU A 553 -17.57 19.82 -0.27
CA GLU A 553 -18.88 20.43 -0.16
C GLU A 553 -19.87 19.56 0.61
N VAL A 554 -19.68 18.24 0.58
CA VAL A 554 -20.60 17.32 1.27
C VAL A 554 -20.53 17.58 2.77
N VAL A 555 -19.33 17.73 3.31
CA VAL A 555 -19.18 17.92 4.75
C VAL A 555 -19.86 19.22 5.18
N GLN A 556 -19.62 20.30 4.44
CA GLN A 556 -20.18 21.60 4.84
C GLN A 556 -21.69 21.63 4.68
N SER A 557 -22.21 21.01 3.62
CA SER A 557 -23.64 20.87 3.49
C SER A 557 -24.22 20.10 4.66
N GLU A 558 -23.49 19.08 5.14
CA GLU A 558 -23.97 18.33 6.29
C GLU A 558 -24.03 19.21 7.54
N ILE A 559 -22.98 19.99 7.78
CA ILE A 559 -23.02 20.86 8.97
C ILE A 559 -24.18 21.84 8.87
N GLN A 560 -24.37 22.44 7.69
CA GLN A 560 -25.45 23.41 7.53
C GLN A 560 -26.81 22.75 7.74
N ALA A 561 -27.02 21.57 7.15
CA ALA A 561 -28.32 20.92 7.29
C ALA A 561 -28.60 20.53 8.73
N ILE A 562 -27.58 20.03 9.44
CA ILE A 562 -27.77 19.68 10.84
C ILE A 562 -28.09 20.92 11.65
N ALA A 563 -27.42 22.04 11.36
CA ALA A 563 -27.70 23.28 12.07
C ALA A 563 -29.14 23.75 11.83
N GLU A 564 -29.59 23.71 10.57
CA GLU A 564 -30.97 24.13 10.28
C GLU A 564 -31.98 23.23 10.96
N GLN A 565 -31.74 21.91 10.95
CA GLN A 565 -32.67 21.01 11.61
C GLN A 565 -32.61 21.13 13.13
N LYS A 566 -31.53 21.68 13.68
CA LYS A 566 -31.48 21.92 15.12
C LYS A 566 -32.04 23.29 15.50
N PHE A 567 -31.63 24.33 14.79
CA PHE A 567 -32.10 25.70 15.03
C PHE A 567 -32.69 26.26 13.74
N PRO A 568 -34.00 26.16 13.54
CA PRO A 568 -34.60 26.56 12.25
C PRO A 568 -34.73 28.07 12.14
N GLY A 569 -34.13 28.65 11.09
CA GLY A 569 -34.23 30.07 10.82
C GLY A 569 -33.29 30.96 11.62
N TYR A 570 -33.04 30.63 12.88
CA TYR A 570 -32.25 31.48 13.77
C TYR A 570 -30.79 31.40 13.35
N ILE A 571 -30.44 32.21 12.35
CA ILE A 571 -29.12 32.11 11.71
C ILE A 571 -28.02 32.44 12.70
N GLU A 572 -28.22 33.47 13.53
CA GLU A 572 -27.21 33.83 14.51
C GLU A 572 -26.98 32.71 15.53
N GLY A 573 -27.92 31.79 15.67
CA GLY A 573 -27.71 30.60 16.48
C GLY A 573 -27.29 29.41 15.65
N GLN A 574 -27.70 29.41 14.38
CA GLN A 574 -27.27 28.36 13.46
C GLN A 574 -25.77 28.35 13.30
N GLN A 575 -25.17 29.53 13.09
CA GLN A 575 -23.73 29.60 12.92
C GLN A 575 -23.01 29.25 14.22
N LYS A 576 -23.59 29.64 15.36
CA LYS A 576 -23.01 29.25 16.65
C LYS A 576 -22.97 27.75 16.79
N TYR A 577 -24.12 27.10 16.52
CA TYR A 577 -24.19 25.65 16.63
C TYR A 577 -23.24 24.96 15.66
N ALA A 578 -23.15 25.47 14.43
CA ALA A 578 -22.23 24.88 13.46
C ALA A 578 -20.78 25.02 13.92
N LYS A 579 -20.44 26.16 14.50
CA LYS A 579 -19.08 26.36 14.98
C LYS A 579 -18.74 25.40 16.13
N GLN A 580 -19.68 25.20 17.06
CA GLN A 580 -19.37 24.25 18.14
C GLN A 580 -19.57 22.80 17.74
N TYR A 581 -20.16 22.56 16.56
CA TYR A 581 -20.29 21.22 16.01
C TYR A 581 -19.06 20.81 15.21
N ARG A 582 -18.43 21.75 14.51
CA ARG A 582 -17.14 21.49 13.88
C ARG A 582 -16.07 21.19 14.91
N VAL A 583 -16.21 21.69 16.13
CA VAL A 583 -15.20 21.45 17.16
C VAL A 583 -15.24 20.00 17.61
N ASN A 584 -16.44 19.46 17.82
CA ASN A 584 -16.61 18.15 18.44
C ASN A 584 -16.46 17.01 17.46
N VAL A 585 -16.92 17.17 16.22
CA VAL A 585 -16.85 16.13 15.21
C VAL A 585 -16.05 16.68 14.04
N HIS A 586 -14.90 16.07 13.77
CA HIS A 586 -13.96 16.57 12.77
C HIS A 586 -14.09 15.81 11.46
N ARG A 587 -13.54 16.40 10.41
CA ARG A 587 -13.54 15.76 9.11
C ARG A 587 -12.81 14.42 9.20
N TRP A 588 -13.44 13.38 8.66
CA TRP A 588 -12.86 12.06 8.71
C TRP A 588 -11.68 11.96 7.75
N SER A 589 -10.83 10.95 7.97
CA SER A 589 -9.72 10.65 7.06
C SER A 589 -10.26 9.80 5.91
N TYR A 590 -11.04 10.46 5.05
CA TYR A 590 -11.76 9.74 4.00
C TYR A 590 -10.82 9.10 2.99
N GLY A 591 -9.69 9.74 2.70
CA GLY A 591 -8.74 9.15 1.77
C GLY A 591 -8.21 7.82 2.25
N ARG A 592 -7.91 7.71 3.55
CA ARG A 592 -7.48 6.42 4.10
C ARG A 592 -8.58 5.39 3.97
N LEU A 593 -9.83 5.78 4.21
CA LEU A 593 -10.95 4.85 4.06
C LEU A 593 -11.03 4.32 2.63
N ILE A 594 -10.98 5.21 1.66
CA ILE A 594 -11.09 4.79 0.27
C ILE A 594 -9.93 3.89 -0.12
N GLN A 595 -8.71 4.26 0.31
CA GLN A 595 -7.54 3.46 -0.03
C GLN A 595 -7.64 2.05 0.56
N SER A 596 -7.98 1.96 1.85
CA SER A 596 -8.04 0.66 2.50
C SER A 596 -9.18 -0.20 1.93
N ILE A 597 -10.32 0.42 1.63
CA ILE A 597 -11.43 -0.32 1.05
C ILE A 597 -11.05 -0.85 -0.33
N GLN A 598 -10.40 -0.02 -1.14
CA GLN A 598 -9.96 -0.49 -2.46
C GLN A 598 -8.95 -1.61 -2.32
N SER A 599 -8.05 -1.51 -1.34
CA SER A 599 -7.06 -2.57 -1.13
C SER A 599 -7.73 -3.89 -0.79
N LYS A 600 -8.66 -3.88 0.16
CA LYS A 600 -9.33 -5.12 0.54
C LYS A 600 -10.20 -5.66 -0.59
N ALA A 601 -10.86 -4.76 -1.33
CA ALA A 601 -11.68 -5.19 -2.45
C ALA A 601 -10.83 -5.88 -3.52
N ALA A 602 -9.66 -5.31 -3.82
CA ALA A 602 -8.75 -5.95 -4.77
C ALA A 602 -8.26 -7.29 -4.23
N GLN A 603 -7.94 -7.34 -2.93
CA GLN A 603 -7.44 -8.58 -2.34
C GLN A 603 -8.46 -9.69 -2.44
N THR A 604 -9.73 -9.40 -2.17
CA THR A 604 -10.76 -10.42 -2.25
C THR A 604 -11.31 -10.59 -3.66
N GLY A 605 -11.38 -9.53 -4.44
CA GLY A 605 -11.78 -9.61 -5.83
C GLY A 605 -12.93 -8.72 -6.22
N ILE A 606 -13.67 -8.17 -5.26
CA ILE A 606 -14.80 -7.31 -5.59
C ILE A 606 -14.30 -5.96 -6.10
N VAL A 607 -15.12 -5.31 -6.92
CA VAL A 607 -14.72 -4.10 -7.63
C VAL A 607 -15.18 -2.88 -6.85
N ILE A 608 -14.47 -1.76 -7.07
CA ILE A 608 -14.85 -0.46 -6.53
C ILE A 608 -15.18 0.45 -7.71
N GLU A 609 -16.36 1.05 -7.68
CA GLU A 609 -16.80 1.94 -8.74
C GLU A 609 -17.17 3.31 -8.16
N GLU A 610 -17.04 4.34 -8.99
CA GLU A 610 -17.31 5.69 -8.54
C GLU A 610 -18.81 5.89 -8.30
N GLY A 611 -19.12 6.81 -7.38
CA GLY A 611 -20.49 7.12 -7.04
C GLY A 611 -20.76 8.61 -6.95
N LYS A 612 -21.90 8.97 -6.35
CA LYS A 612 -22.25 10.38 -6.20
C LYS A 612 -23.18 10.48 -4.98
N GLN A 613 -22.62 10.88 -3.85
CA GLN A 613 -23.40 10.93 -2.62
C GLN A 613 -24.47 12.01 -2.71
N PRO A 614 -25.70 11.73 -2.29
CA PRO A 614 -26.72 12.76 -2.20
C PRO A 614 -26.41 13.74 -1.08
N ILE A 615 -26.92 14.97 -1.23
CA ILE A 615 -26.54 16.04 -0.31
C ILE A 615 -27.33 16.03 0.98
N ARG A 616 -28.51 15.42 1.01
CA ARG A 616 -29.37 15.47 2.18
C ARG A 616 -30.10 14.14 2.37
N GLY A 617 -30.50 13.88 3.60
CA GLY A 617 -31.23 12.68 3.95
C GLY A 617 -30.60 11.98 5.13
N SER A 618 -31.20 10.85 5.50
CA SER A 618 -30.65 10.03 6.56
C SER A 618 -29.38 9.34 6.08
N PRO A 619 -28.44 9.05 7.00
CA PRO A 619 -27.20 8.36 6.56
C PRO A 619 -27.48 7.05 5.86
N HIS A 620 -28.43 6.26 6.35
CA HIS A 620 -28.82 5.05 5.64
C HIS A 620 -29.46 5.39 4.30
N ASP A 621 -30.28 6.44 4.27
CA ASP A 621 -30.88 6.87 3.02
C ASP A 621 -29.80 7.34 2.05
N LYS A 622 -28.78 8.04 2.54
CA LYS A 622 -27.69 8.47 1.69
C LYS A 622 -26.92 7.27 1.14
N ALA A 623 -26.68 6.27 1.98
CA ALA A 623 -25.98 5.06 1.52
C ALA A 623 -26.77 4.35 0.44
N LYS A 624 -28.07 4.15 0.67
CA LYS A 624 -28.90 3.49 -0.32
C LYS A 624 -28.93 4.27 -1.63
N GLU A 625 -29.15 5.58 -1.55
CA GLU A 625 -29.24 6.37 -2.77
C GLU A 625 -27.90 6.47 -3.47
N LEU A 626 -26.80 6.46 -2.72
CA LEU A 626 -25.48 6.46 -3.33
C LEU A 626 -25.24 5.15 -4.09
N ALA A 627 -25.62 4.03 -3.50
CA ALA A 627 -25.51 2.75 -4.20
C ALA A 627 -26.36 2.75 -5.46
N LEU A 628 -27.58 3.28 -5.38
CA LEU A 628 -28.42 3.34 -6.58
C LEU A 628 -27.82 4.26 -7.64
N SER A 629 -27.25 5.39 -7.22
CA SER A 629 -26.63 6.29 -8.18
C SER A 629 -25.43 5.63 -8.85
N ALA A 630 -24.65 4.86 -8.08
CA ALA A 630 -23.53 4.14 -8.68
C ALA A 630 -24.02 3.09 -9.66
N TYR A 631 -25.09 2.38 -9.32
CA TYR A 631 -25.64 1.41 -10.26
C TYR A 631 -26.13 2.10 -11.53
N ASN A 632 -26.75 3.26 -11.38
CA ASN A 632 -27.20 4.01 -12.56
C ASN A 632 -26.03 4.44 -13.42
N LEU A 633 -24.96 4.92 -12.79
CA LEU A 633 -23.77 5.31 -13.54
C LEU A 633 -23.09 4.10 -14.18
N ARG A 634 -23.28 2.92 -13.61
CA ARG A 634 -22.66 1.71 -14.15
C ARG A 634 -23.11 1.45 -15.58
N LEU A 635 -24.32 1.86 -15.94
CA LEU A 635 -24.76 1.71 -17.32
C LEU A 635 -23.93 2.57 -18.25
N THR A 636 -23.44 3.71 -17.79
CA THR A 636 -22.61 4.59 -18.60
C THR A 636 -21.27 3.92 -18.91
#